data_1XDU
#
_entry.id   1XDU
#
_cell.length_a   62.758
_cell.length_b   86.813
_cell.length_c   117.395
_cell.angle_alpha   90.00
_cell.angle_beta   90.00
_cell.angle_gamma   90.00
#
_symmetry.space_group_name_H-M   'C 2 2 21'
#
loop_
_entity.id
_entity.type
_entity.pdbx_description
1 polymer 'Protein RdmB'
2 non-polymer 'ACETATE ION'
3 non-polymer SINEFUNGIN
4 water water
#
_entity_poly.entity_id   1
_entity_poly.type   'polypeptide(L)'
_entity_poly.pdbx_seq_one_letter_code
;(MSE)SSSSPGEPLEPTDQDLDVLLKNLGNLVTP(MSE)ALRVAATLRLVDHLLAGADTLAGLADRTDTHPQALSRLVRH
LTVVGVLEGGEKQGRPLRPTRLG(MSE)LLADGHPAQQRAWLDLNGAVSHADLAFTGLLDVVRTGRPAYAGRYGRPFWED
LSADVALADSFDAL(MSE)SCDEDLAYEAPADAYDWSAVRHVLDVGGGNGG(MSE)LAAIALRAPHLRGTLVELAGPAER
ARRRFADAGLADRVTVAEGDFFKPLPVTADVVLLSFVLLNWSDEDALTILRGCVRALEPGGRLLVLDRADVEGDGADRFF
STLLDLR(MSE)LTF(MSE)GGRVRTRDEVVDLAGSAGLALASERTSGSTTLPFDFSILEFTAVSEEAAPAAQASEALPA
QE
;
_entity_poly.pdbx_strand_id   A
#
# COMPACT_ATOMS: atom_id res chain seq x y z
N LEU A 10 -24.43 -28.15 -17.29
CA LEU A 10 -23.27 -27.72 -16.45
C LEU A 10 -22.95 -28.80 -15.41
N GLU A 11 -21.95 -29.61 -15.68
CA GLU A 11 -21.51 -30.67 -14.78
C GLU A 11 -19.99 -30.66 -14.62
N PRO A 12 -19.49 -30.27 -13.44
CA PRO A 12 -18.05 -30.12 -13.22
C PRO A 12 -17.24 -31.31 -13.74
N THR A 13 -16.19 -31.01 -14.50
CA THR A 13 -15.36 -32.04 -15.11
C THR A 13 -14.24 -32.43 -14.14
N ASP A 14 -13.42 -33.38 -14.54
CA ASP A 14 -12.29 -33.83 -13.71
C ASP A 14 -11.17 -32.78 -13.69
N GLN A 15 -10.98 -32.06 -14.79
CA GLN A 15 -10.03 -30.96 -14.83
C GLN A 15 -10.46 -29.82 -13.91
N ASP A 16 -11.77 -29.55 -13.86
CA ASP A 16 -12.35 -28.54 -12.98
C ASP A 16 -11.99 -28.74 -11.52
N LEU A 17 -12.05 -30.00 -11.07
CA LEU A 17 -11.72 -30.33 -9.68
C LEU A 17 -10.24 -30.15 -9.42
N ASP A 18 -9.42 -30.56 -10.38
CA ASP A 18 -7.96 -30.38 -10.31
C ASP A 18 -7.61 -28.91 -10.07
N VAL A 19 -8.32 -28.02 -10.76
CA VAL A 19 -8.07 -26.58 -10.65
C VAL A 19 -8.51 -26.02 -9.29
N LEU A 20 -9.57 -26.56 -8.70
CA LEU A 20 -10.01 -26.12 -7.37
C LEU A 20 -9.03 -26.57 -6.28
N LEU A 21 -8.58 -27.81 -6.36
CA LEU A 21 -7.68 -28.37 -5.36
C LEU A 21 -6.26 -27.76 -5.47
N LYS A 22 -5.72 -27.73 -6.69
CA LYS A 22 -4.34 -27.31 -6.94
C LYS A 22 -4.14 -25.81 -6.93
N ASN A 23 -5.19 -25.04 -7.22
CA ASN A 23 -5.09 -23.59 -7.32
C ASN A 23 -6.15 -22.83 -6.53
N LEU A 24 -7.34 -22.64 -7.09
CA LEU A 24 -8.32 -21.69 -6.57
C LEU A 24 -8.61 -21.82 -5.08
N GLY A 25 -8.67 -23.06 -4.59
CA GLY A 25 -8.91 -23.32 -3.17
C GLY A 25 -7.68 -23.80 -2.41
N ASN A 26 -6.49 -23.63 -3.00
CA ASN A 26 -5.26 -24.16 -2.44
C ASN A 26 -4.56 -23.11 -1.58
N LEU A 27 -4.70 -23.24 -0.26
CA LEU A 27 -4.13 -22.30 0.68
C LEU A 27 -2.71 -22.70 1.09
N VAL A 28 -2.40 -23.99 0.99
CA VAL A 28 -1.11 -24.49 1.41
C VAL A 28 0.04 -23.97 0.55
N THR A 29 -0.14 -23.94 -0.76
CA THR A 29 0.94 -23.54 -1.68
C THR A 29 1.37 -22.06 -1.54
N PRO A 30 0.44 -21.10 -1.55
CA PRO A 30 0.83 -19.70 -1.36
C PRO A 30 1.58 -19.46 -0.06
N ALA A 32 3.51 -21.76 1.30
CA ALA A 32 4.81 -22.38 1.05
C ALA A 32 5.70 -21.42 0.27
N LEU A 33 5.08 -20.64 -0.61
CA LEU A 33 5.81 -19.68 -1.43
C LEU A 33 6.33 -18.54 -0.55
N ARG A 34 5.57 -18.18 0.48
CA ARG A 34 5.96 -17.10 1.38
C ARG A 34 7.08 -17.50 2.32
N VAL A 35 7.01 -18.71 2.86
CA VAL A 35 8.09 -19.23 3.68
C VAL A 35 9.38 -19.35 2.84
N ALA A 36 9.25 -19.70 1.57
CA ALA A 36 10.43 -19.87 0.71
C ALA A 36 11.11 -18.54 0.44
N ALA A 37 10.32 -17.51 0.15
CA ALA A 37 10.83 -16.15 -0.04
C ALA A 37 11.40 -15.57 1.25
N THR A 38 10.75 -15.85 2.38
CA THR A 38 11.14 -15.31 3.68
C THR A 38 12.48 -15.84 4.15
N LEU A 39 12.74 -17.13 3.93
CA LEU A 39 14.01 -17.74 4.30
C LEU A 39 15.09 -17.55 3.22
N ARG A 40 14.76 -16.82 2.16
CA ARG A 40 15.72 -16.46 1.12
C ARG A 40 16.33 -17.73 0.52
N LEU A 41 15.45 -18.67 0.22
CA LEU A 41 15.82 -20.03 -0.18
C LEU A 41 16.49 -20.03 -1.54
N VAL A 42 15.89 -19.33 -2.48
CA VAL A 42 16.40 -19.28 -3.84
C VAL A 42 17.77 -18.61 -3.87
N ASP A 43 17.92 -17.53 -3.13
CA ASP A 43 19.22 -16.86 -3.00
C ASP A 43 20.27 -17.78 -2.40
N HIS A 44 19.89 -18.51 -1.36
CA HIS A 44 20.79 -19.43 -0.69
C HIS A 44 21.20 -20.58 -1.59
N LEU A 45 20.40 -20.90 -2.61
CA LEU A 45 20.70 -22.01 -3.53
C LEU A 45 21.67 -21.56 -4.60
N LEU A 46 21.52 -20.33 -5.06
CA LEU A 46 22.34 -19.79 -6.13
C LEU A 46 23.73 -19.43 -5.62
N ALA A 47 23.86 -19.24 -4.31
CA ALA A 47 25.13 -18.92 -3.67
C ALA A 47 25.90 -20.17 -3.24
N GLY A 48 25.65 -21.29 -3.92
CA GLY A 48 26.42 -22.50 -3.70
C GLY A 48 25.78 -23.54 -2.80
N ALA A 49 24.76 -23.16 -2.04
CA ALA A 49 24.01 -24.14 -1.25
C ALA A 49 23.23 -25.07 -2.18
N ASP A 50 23.30 -26.37 -1.91
CA ASP A 50 22.66 -27.37 -2.75
C ASP A 50 22.31 -28.67 -2.02
N THR A 51 23.07 -29.03 -1.00
CA THR A 51 22.65 -30.08 -0.08
C THR A 51 21.46 -29.58 0.73
N LEU A 52 20.63 -30.50 1.20
CA LEU A 52 19.48 -30.14 2.03
C LEU A 52 19.95 -29.72 3.43
N ALA A 53 20.83 -30.51 4.02
CA ALA A 53 21.39 -30.19 5.34
C ALA A 53 22.15 -28.87 5.30
N GLY A 54 22.78 -28.58 4.17
CA GLY A 54 23.42 -27.30 3.95
C GLY A 54 22.41 -26.17 4.01
N LEU A 55 21.31 -26.34 3.28
CA LEU A 55 20.25 -25.33 3.18
C LEU A 55 19.53 -25.06 4.51
N ALA A 56 19.33 -26.11 5.31
CA ALA A 56 18.67 -25.99 6.61
C ALA A 56 19.53 -25.22 7.60
N ASP A 57 20.85 -25.32 7.43
CA ASP A 57 21.78 -24.63 8.31
C ASP A 57 21.80 -23.13 8.04
N ARG A 58 21.78 -22.75 6.77
CA ARG A 58 21.81 -21.33 6.40
C ARG A 58 20.42 -20.68 6.55
N THR A 59 19.41 -21.44 6.94
CA THR A 59 18.08 -20.90 7.20
C THR A 59 17.59 -21.11 8.63
N ASP A 60 18.39 -21.78 9.47
CA ASP A 60 18.02 -22.09 10.85
C ASP A 60 16.67 -22.81 10.94
N THR A 61 16.44 -23.72 10.01
CA THR A 61 15.20 -24.46 9.94
C THR A 61 15.41 -25.91 10.35
N HIS A 62 14.30 -26.59 10.61
CA HIS A 62 14.29 -28.02 10.89
C HIS A 62 14.62 -28.74 9.60
N PRO A 63 15.68 -29.54 9.57
CA PRO A 63 16.06 -30.28 8.36
C PRO A 63 14.89 -31.03 7.74
N GLN A 64 14.14 -31.78 8.55
CA GLN A 64 13.08 -32.65 8.03
C GLN A 64 11.87 -31.84 7.56
N ALA A 65 11.46 -30.86 8.36
CA ALA A 65 10.34 -29.99 7.99
C ALA A 65 10.69 -29.19 6.74
N LEU A 66 11.96 -28.81 6.61
CA LEU A 66 12.44 -28.14 5.41
C LEU A 66 12.43 -29.07 4.20
N SER A 67 12.75 -30.34 4.42
CA SER A 67 12.73 -31.32 3.34
C SER A 67 11.34 -31.44 2.75
N ARG A 68 10.33 -31.35 3.62
CA ARG A 68 8.94 -31.53 3.24
C ARG A 68 8.37 -30.31 2.54
N LEU A 69 8.82 -29.13 2.96
CA LEU A 69 8.46 -27.89 2.28
C LEU A 69 9.06 -27.91 0.89
N VAL A 70 10.27 -28.46 0.77
CA VAL A 70 10.99 -28.46 -0.50
C VAL A 70 10.42 -29.52 -1.45
N ARG A 71 9.95 -30.65 -0.92
CA ARG A 71 9.26 -31.65 -1.74
C ARG A 71 8.05 -31.02 -2.43
N HIS A 72 7.29 -30.25 -1.66
CA HIS A 72 6.07 -29.62 -2.15
C HIS A 72 6.39 -28.49 -3.14
N LEU A 73 7.41 -27.71 -2.83
CA LEU A 73 7.87 -26.66 -3.75
C LEU A 73 8.38 -27.25 -5.05
N THR A 74 9.06 -28.40 -4.98
CA THR A 74 9.51 -29.10 -6.19
C THR A 74 8.31 -29.44 -7.07
N VAL A 75 7.29 -30.02 -6.45
CA VAL A 75 6.11 -30.53 -7.15
C VAL A 75 5.36 -29.42 -7.89
N VAL A 76 5.29 -28.24 -7.29
CA VAL A 76 4.58 -27.10 -7.88
C VAL A 76 5.45 -26.31 -8.87
N GLY A 77 6.70 -26.74 -9.06
CA GLY A 77 7.57 -26.20 -10.08
C GLY A 77 8.28 -24.93 -9.66
N VAL A 78 8.58 -24.82 -8.37
CA VAL A 78 9.39 -23.73 -7.82
C VAL A 78 10.84 -24.18 -7.78
N LEU A 79 11.07 -25.40 -7.29
CA LEU A 79 12.40 -25.98 -7.24
C LEU A 79 12.50 -27.26 -8.06
N GLU A 80 13.71 -27.81 -8.13
CA GLU A 80 14.00 -29.04 -8.89
C GLU A 80 15.35 -29.60 -8.46
N GLY A 81 15.49 -30.92 -8.55
CA GLY A 81 16.71 -31.59 -8.11
C GLY A 81 16.56 -32.20 -6.73
N GLY A 82 17.69 -32.64 -6.18
CA GLY A 82 17.70 -33.34 -4.90
C GLY A 82 17.12 -34.74 -4.97
N GLU A 83 17.05 -35.29 -6.19
CA GLU A 83 16.46 -36.61 -6.47
C GLU A 83 16.25 -37.53 -5.26
N LYS A 84 17.33 -37.79 -4.53
CA LYS A 84 17.29 -38.70 -3.39
C LYS A 84 17.94 -40.04 -3.76
N GLY A 86 20.64 -38.40 -7.06
CA GLY A 86 21.20 -37.58 -5.99
C GLY A 86 21.56 -36.18 -6.45
N ARG A 87 20.78 -35.66 -7.40
CA ARG A 87 21.00 -34.37 -8.08
C ARG A 87 21.17 -33.15 -7.13
N PRO A 88 21.67 -32.02 -7.64
CA PRO A 88 21.73 -30.79 -6.84
C PRO A 88 20.41 -30.02 -6.85
N LEU A 89 20.06 -29.48 -5.69
CA LEU A 89 18.85 -28.67 -5.53
C LEU A 89 19.05 -27.29 -6.13
N ARG A 90 18.06 -26.80 -6.85
CA ARG A 90 18.14 -25.49 -7.50
C ARG A 90 16.78 -24.94 -7.90
N PRO A 91 16.69 -23.65 -8.21
CA PRO A 91 15.43 -23.06 -8.65
C PRO A 91 15.10 -23.46 -10.07
N THR A 92 13.82 -23.40 -10.42
CA THR A 92 13.38 -23.55 -11.79
C THR A 92 13.37 -22.16 -12.40
N ARG A 93 13.18 -22.09 -13.70
CA ARG A 93 12.90 -20.83 -14.38
C ARG A 93 11.90 -19.99 -13.56
N LEU A 94 10.78 -20.61 -13.19
CA LEU A 94 9.73 -19.98 -12.39
C LEU A 94 10.29 -19.50 -11.04
N GLY A 95 11.05 -20.35 -10.37
CA GLY A 95 11.60 -20.06 -9.05
C GLY A 95 12.64 -18.95 -8.97
N LEU A 97 12.04 -16.01 -9.95
CA LEU A 97 11.24 -14.86 -9.55
C LEU A 97 11.45 -14.52 -8.06
N LEU A 98 11.78 -15.52 -7.25
CA LEU A 98 12.02 -15.32 -5.82
C LEU A 98 13.50 -15.01 -5.47
N ALA A 99 14.33 -14.68 -6.45
CA ALA A 99 15.68 -14.22 -6.17
C ALA A 99 15.63 -12.74 -5.80
N ASP A 100 16.50 -12.32 -4.87
CA ASP A 100 16.42 -10.99 -4.28
C ASP A 100 16.46 -9.88 -5.33
N GLY A 101 17.30 -10.05 -6.35
CA GLY A 101 17.52 -9.01 -7.33
C GLY A 101 16.53 -8.91 -8.48
N HIS A 102 15.67 -9.92 -8.67
CA HIS A 102 14.75 -9.89 -9.81
C HIS A 102 13.88 -8.64 -9.77
N PRO A 103 13.79 -7.91 -10.88
CA PRO A 103 13.14 -6.59 -10.91
C PRO A 103 11.65 -6.58 -10.53
N ALA A 104 10.99 -7.71 -10.56
CA ALA A 104 9.56 -7.79 -10.20
C ALA A 104 9.35 -7.82 -8.67
N GLN A 105 10.42 -8.07 -7.92
CA GLN A 105 10.42 -7.94 -6.47
C GLN A 105 9.45 -8.89 -5.76
N GLN A 106 9.24 -10.07 -6.33
CA GLN A 106 8.30 -11.03 -5.73
C GLN A 106 8.84 -11.65 -4.45
N ARG A 107 10.15 -11.77 -4.31
CA ARG A 107 10.72 -12.25 -3.05
C ARG A 107 10.28 -11.32 -1.91
N ALA A 108 10.24 -10.01 -2.21
CA ALA A 108 9.86 -8.99 -1.24
C ALA A 108 8.36 -8.93 -1.00
N TRP A 109 7.58 -9.15 -2.06
CA TRP A 109 6.12 -9.15 -1.96
C TRP A 109 5.62 -10.30 -1.09
N LEU A 110 6.35 -11.41 -1.13
CA LEU A 110 5.95 -12.62 -0.41
C LEU A 110 6.60 -12.70 0.98
N ASP A 111 7.60 -11.87 1.24
CA ASP A 111 8.33 -11.88 2.51
C ASP A 111 7.41 -11.59 3.70
N LEU A 112 7.33 -12.54 4.63
CA LEU A 112 6.49 -12.45 5.83
C LEU A 112 6.97 -11.41 6.84
N ASN A 113 8.21 -10.94 6.68
CA ASN A 113 8.76 -9.84 7.47
C ASN A 113 8.28 -8.51 6.90
N GLY A 114 7.50 -8.56 5.83
CA GLY A 114 7.10 -7.39 5.08
C GLY A 114 5.63 -7.11 5.25
N ALA A 115 5.25 -5.84 5.09
CA ALA A 115 3.90 -5.38 5.38
C ALA A 115 2.81 -6.14 4.64
N VAL A 116 3.01 -6.38 3.35
CA VAL A 116 1.97 -6.95 2.50
C VAL A 116 1.69 -8.42 2.82
N SER A 117 2.74 -9.24 2.92
CA SER A 117 2.57 -10.63 3.33
C SER A 117 2.06 -10.75 4.76
N HIS A 118 2.62 -9.94 5.66
CA HIS A 118 2.13 -9.84 7.02
C HIS A 118 0.63 -9.55 7.03
N ALA A 119 0.19 -8.61 6.21
CA ALA A 119 -1.23 -8.26 6.11
C ALA A 119 -2.03 -9.33 5.37
N ASP A 120 -1.42 -9.99 4.40
CA ASP A 120 -2.07 -11.07 3.65
C ASP A 120 -2.57 -12.15 4.60
N LEU A 121 -1.87 -12.33 5.72
CA LEU A 121 -2.24 -13.36 6.69
C LEU A 121 -3.60 -13.11 7.29
N ALA A 122 -3.97 -11.83 7.39
CA ALA A 122 -5.28 -11.43 7.93
C ALA A 122 -6.47 -11.99 7.14
N PHE A 123 -6.23 -12.47 5.93
CA PHE A 123 -7.27 -13.06 5.09
C PHE A 123 -7.96 -14.30 5.69
N THR A 124 -7.35 -14.90 6.70
CA THR A 124 -7.98 -15.98 7.44
C THR A 124 -9.24 -15.51 8.18
N GLY A 125 -9.41 -14.20 8.33
CA GLY A 125 -10.63 -13.61 8.89
C GLY A 125 -11.55 -13.01 7.83
N LEU A 126 -11.53 -13.57 6.63
CA LEU A 126 -12.30 -13.04 5.49
C LEU A 126 -13.79 -13.28 5.64
N LEU A 127 -14.18 -14.31 6.40
CA LEU A 127 -15.58 -14.56 6.68
C LEU A 127 -16.20 -13.35 7.35
N ASP A 128 -15.51 -12.85 8.37
CA ASP A 128 -15.98 -11.72 9.16
C ASP A 128 -15.88 -10.41 8.39
N VAL A 129 -14.90 -10.30 7.51
CA VAL A 129 -14.76 -9.11 6.67
C VAL A 129 -15.97 -8.98 5.75
N VAL A 130 -16.50 -10.11 5.29
CA VAL A 130 -17.66 -10.11 4.43
C VAL A 130 -18.94 -9.90 5.26
N ARG A 131 -18.96 -10.45 6.47
CA ARG A 131 -20.14 -10.35 7.34
C ARG A 131 -20.34 -8.93 7.85
N THR A 132 -19.26 -8.29 8.29
CA THR A 132 -19.30 -6.97 8.91
C THR A 132 -18.85 -5.85 7.99
N GLY A 133 -18.08 -6.16 6.96
CA GLY A 133 -17.49 -5.14 6.11
C GLY A 133 -16.32 -4.41 6.77
N ARG A 134 -15.91 -4.87 7.95
CA ARG A 134 -14.78 -4.30 8.68
C ARG A 134 -13.51 -5.09 8.39
N PRO A 135 -12.36 -4.42 8.35
CA PRO A 135 -11.09 -5.09 8.02
C PRO A 135 -10.71 -6.09 9.10
N ALA A 136 -9.87 -7.06 8.75
CA ALA A 136 -9.47 -8.13 9.65
C ALA A 136 -8.11 -7.90 10.31
N TYR A 137 -7.38 -6.88 9.84
CA TYR A 137 -6.01 -6.66 10.30
C TYR A 137 -5.90 -6.50 11.82
N ALA A 138 -6.80 -5.70 12.41
CA ALA A 138 -6.76 -5.44 13.84
C ALA A 138 -7.04 -6.70 14.67
N GLY A 139 -7.93 -7.54 14.18
CA GLY A 139 -8.24 -8.80 14.84
C GLY A 139 -7.04 -9.73 14.95
N ARG A 140 -6.13 -9.64 13.99
CA ARG A 140 -4.94 -10.47 14.00
C ARG A 140 -3.80 -9.87 14.83
N TYR A 141 -3.45 -8.62 14.58
CA TYR A 141 -2.19 -8.03 15.05
C TYR A 141 -2.30 -7.04 16.20
N GLY A 142 -3.52 -6.70 16.62
CA GLY A 142 -3.72 -5.85 17.79
C GLY A 142 -4.03 -4.39 17.50
N ARG A 143 -3.44 -3.83 16.44
CA ARG A 143 -3.78 -2.47 16.00
C ARG A 143 -4.08 -2.43 14.50
N PRO A 144 -4.83 -1.41 14.06
CA PRO A 144 -5.15 -1.25 12.64
C PRO A 144 -3.93 -1.03 11.76
N PHE A 145 -4.01 -1.51 10.52
CA PHE A 145 -2.92 -1.43 9.55
C PHE A 145 -1.98 -0.22 9.74
N TRP A 146 -2.51 0.99 9.54
CA TRP A 146 -1.66 2.17 9.53
C TRP A 146 -1.07 2.51 10.89
N GLU A 147 -1.78 2.19 11.95
CA GLU A 147 -1.24 2.38 13.29
C GLU A 147 -0.07 1.43 13.58
N ASP A 148 -0.17 0.20 13.07
CA ASP A 148 0.87 -0.79 13.24
C ASP A 148 2.13 -0.41 12.46
N LEU A 149 1.95 -0.03 11.20
CA LEU A 149 3.04 0.47 10.35
C LEU A 149 3.80 1.62 10.99
N SER A 150 3.06 2.55 11.59
CA SER A 150 3.63 3.73 12.22
C SER A 150 4.50 3.38 13.44
N ALA A 151 4.10 2.32 14.14
CA ALA A 151 4.84 1.84 15.32
C ALA A 151 6.03 0.97 14.95
N ASP A 152 6.06 0.49 13.71
CA ASP A 152 7.03 -0.51 13.28
C ASP A 152 7.68 -0.10 11.94
N VAL A 153 8.91 0.37 12.03
CA VAL A 153 9.61 0.98 10.89
C VAL A 153 9.94 -0.04 9.80
N ALA A 154 10.09 -1.31 10.19
CA ALA A 154 10.32 -2.39 9.22
C ALA A 154 9.10 -2.61 8.34
N LEU A 155 7.92 -2.58 8.93
CA LEU A 155 6.67 -2.73 8.18
C LEU A 155 6.40 -1.54 7.27
N ALA A 156 6.64 -0.33 7.78
CA ALA A 156 6.40 0.89 7.01
C ALA A 156 7.27 0.97 5.76
N ASP A 157 8.57 0.70 5.92
CA ASP A 157 9.51 0.86 4.82
C ASP A 157 9.35 -0.20 3.74
N SER A 158 8.87 -1.39 4.12
CA SER A 158 8.66 -2.47 3.16
C SER A 158 7.35 -2.28 2.39
N PHE A 159 6.35 -1.69 3.04
CA PHE A 159 5.14 -1.30 2.34
C PHE A 159 5.45 -0.22 1.30
N ASP A 160 6.25 0.76 1.68
CA ASP A 160 6.60 1.88 0.79
C ASP A 160 7.51 1.46 -0.34
N ALA A 161 8.40 0.51 -0.08
CA ALA A 161 9.35 0.02 -1.08
C ALA A 161 8.64 -0.57 -2.29
N LEU A 162 7.44 -1.09 -2.07
CA LEU A 162 6.66 -1.77 -3.11
C LEU A 162 5.65 -0.87 -3.83
N SER A 164 4.78 2.55 -6.04
CA SER A 164 5.40 3.40 -7.05
C SER A 164 5.35 4.90 -6.69
N CYS A 165 4.46 5.25 -5.75
CA CYS A 165 4.41 6.60 -5.21
C CYS A 165 5.67 6.93 -4.38
N ASP A 166 6.44 5.90 -4.06
CA ASP A 166 7.70 6.02 -3.31
C ASP A 166 8.88 6.48 -4.17
N GLU A 167 8.80 6.30 -5.49
CA GLU A 167 9.91 6.66 -6.39
C GLU A 167 10.09 8.18 -6.49
N ASP A 168 11.28 8.58 -6.91
CA ASP A 168 11.79 9.95 -6.73
C ASP A 168 10.94 11.09 -7.32
N LEU A 169 10.18 10.79 -8.37
CA LEU A 169 9.42 11.82 -9.10
C LEU A 169 7.97 11.38 -9.38
N ALA A 170 7.37 10.69 -8.40
CA ALA A 170 6.01 10.16 -8.54
C ALA A 170 4.93 11.25 -8.52
N TYR A 171 5.28 12.42 -7.98
CA TYR A 171 4.31 13.49 -7.75
C TYR A 171 4.46 14.66 -8.71
N GLU A 172 5.38 14.55 -9.66
CA GLU A 172 5.63 15.64 -10.62
C GLU A 172 4.42 15.94 -11.51
N ALA A 173 3.85 14.90 -12.12
CA ALA A 173 2.71 15.09 -13.02
C ALA A 173 1.47 15.69 -12.35
N PRO A 174 1.03 15.14 -11.21
CA PRO A 174 -0.12 15.72 -10.48
C PRO A 174 0.17 17.08 -9.83
N ALA A 175 1.43 17.41 -9.58
CA ALA A 175 1.81 18.72 -9.08
C ALA A 175 1.81 19.75 -10.22
N ASP A 176 2.06 19.29 -11.44
CA ASP A 176 1.98 20.14 -12.63
C ASP A 176 0.53 20.40 -13.03
N ALA A 177 -0.35 19.45 -12.70
CA ALA A 177 -1.76 19.52 -13.10
C ALA A 177 -2.49 20.76 -12.59
N TYR A 178 -2.11 21.21 -11.39
CA TYR A 178 -2.83 22.27 -10.68
C TYR A 178 -1.98 23.54 -10.57
N ASP A 179 -2.64 24.66 -10.23
CA ASP A 179 -2.00 25.98 -10.14
C ASP A 179 -1.84 26.45 -8.69
N TRP A 180 -0.59 26.41 -8.19
CA TRP A 180 -0.29 26.73 -6.79
C TRP A 180 0.24 28.16 -6.57
N SER A 181 0.20 28.99 -7.61
CA SER A 181 0.74 30.36 -7.56
C SER A 181 -0.05 31.28 -6.62
N ALA A 182 -1.36 31.04 -6.48
CA ALA A 182 -2.20 31.87 -5.61
C ALA A 182 -2.44 31.24 -4.23
N VAL A 183 -2.03 29.98 -4.07
CA VAL A 183 -2.28 29.24 -2.84
C VAL A 183 -1.34 29.72 -1.73
N ARG A 184 -1.89 29.91 -0.54
CA ARG A 184 -1.13 30.44 0.60
C ARG A 184 -0.72 29.36 1.57
N HIS A 185 -1.56 28.34 1.74
CA HIS A 185 -1.42 27.39 2.82
C HIS A 185 -2.10 26.09 2.49
N VAL A 186 -1.35 24.98 2.49
CA VAL A 186 -1.90 23.66 2.25
C VAL A 186 -1.91 22.87 3.55
N LEU A 187 -3.07 22.29 3.87
CA LEU A 187 -3.19 21.33 4.95
C LEU A 187 -3.13 19.97 4.28
N ASP A 188 -2.06 19.21 4.55
CA ASP A 188 -1.84 17.93 3.92
C ASP A 188 -2.25 16.85 4.91
N VAL A 189 -3.49 16.40 4.80
CA VAL A 189 -4.10 15.50 5.80
C VAL A 189 -3.74 14.04 5.55
N GLY A 190 -3.01 13.44 6.49
CA GLY A 190 -2.46 12.11 6.31
C GLY A 190 -1.46 12.10 5.17
N GLY A 191 -0.60 13.12 5.16
CA GLY A 191 0.29 13.38 4.04
C GLY A 191 1.46 12.43 3.88
N GLY A 192 1.48 11.35 4.65
CA GLY A 192 2.52 10.33 4.55
C GLY A 192 3.87 10.91 4.87
N ASN A 193 4.84 10.67 3.98
CA ASN A 193 6.18 11.24 4.17
C ASN A 193 6.49 12.48 3.33
N GLY A 194 5.47 13.06 2.71
CA GLY A 194 5.56 14.44 2.22
C GLY A 194 5.66 14.68 0.72
N GLY A 195 5.72 13.62 -0.08
CA GLY A 195 5.93 13.73 -1.52
C GLY A 195 5.20 14.86 -2.23
N LEU A 197 3.43 17.47 -1.03
CA LEU A 197 3.63 18.80 -0.46
C LEU A 197 5.02 19.38 -0.78
N ALA A 198 6.03 18.53 -0.82
CA ALA A 198 7.38 18.94 -1.21
C ALA A 198 7.39 19.35 -2.68
N ALA A 199 6.67 18.60 -3.52
CA ALA A 199 6.57 18.93 -4.93
C ALA A 199 5.78 20.22 -5.16
N ILE A 200 4.84 20.53 -4.25
CA ILE A 200 4.08 21.77 -4.32
C ILE A 200 4.98 22.92 -3.86
N ALA A 201 5.45 22.84 -2.63
CA ALA A 201 6.29 23.89 -2.06
C ALA A 201 7.41 24.30 -3.01
N LEU A 202 7.95 23.35 -3.76
CA LEU A 202 9.03 23.64 -4.71
C LEU A 202 8.53 24.42 -5.93
N ARG A 203 7.33 24.08 -6.39
CA ARG A 203 6.66 24.82 -7.46
C ARG A 203 6.16 26.21 -7.01
N ALA A 204 5.93 26.42 -5.72
CA ALA A 204 5.35 27.65 -5.19
C ALA A 204 6.13 28.16 -3.96
N PRO A 205 7.18 28.94 -4.19
CA PRO A 205 8.13 29.35 -3.14
C PRO A 205 7.56 30.11 -1.93
N HIS A 206 6.35 30.66 -2.03
CA HIS A 206 5.77 31.47 -0.96
C HIS A 206 4.71 30.74 -0.13
N LEU A 207 4.33 29.54 -0.58
CA LEU A 207 3.25 28.79 0.06
C LEU A 207 3.75 28.06 1.32
N ARG A 208 2.94 28.14 2.37
CA ARG A 208 3.15 27.43 3.64
C ARG A 208 2.53 26.04 3.60
N GLY A 209 3.17 25.08 4.24
CA GLY A 209 2.62 23.74 4.35
C GLY A 209 2.43 23.35 5.81
N THR A 210 1.41 22.54 6.07
CA THR A 210 1.25 21.88 7.36
C THR A 210 0.83 20.45 7.05
N LEU A 211 1.53 19.48 7.65
CA LEU A 211 1.27 18.08 7.35
C LEU A 211 0.83 17.37 8.63
N VAL A 212 -0.16 16.49 8.52
CA VAL A 212 -0.70 15.79 9.67
C VAL A 212 -0.55 14.29 9.50
N GLU A 213 0.15 13.65 10.42
CA GLU A 213 0.42 12.23 10.30
C GLU A 213 0.61 11.55 11.66
N LEU A 214 0.62 10.22 11.64
CA LEU A 214 0.96 9.43 12.80
C LEU A 214 2.47 9.53 13.00
N ALA A 215 2.98 9.17 14.17
CA ALA A 215 4.36 9.42 14.53
C ALA A 215 5.35 8.94 13.47
N GLY A 216 5.14 7.74 12.94
CA GLY A 216 5.99 7.12 11.95
C GLY A 216 6.29 7.97 10.71
N PRO A 217 5.28 8.19 9.85
CA PRO A 217 5.46 9.04 8.67
C PRO A 217 5.77 10.50 9.02
N ALA A 218 5.33 10.94 10.20
CA ALA A 218 5.60 12.29 10.66
C ALA A 218 7.11 12.53 10.71
N GLU A 219 7.83 11.62 11.34
CA GLU A 219 9.29 11.70 11.46
C GLU A 219 9.94 11.73 10.09
N ARG A 220 9.46 10.86 9.21
CA ARG A 220 10.01 10.74 7.86
C ARG A 220 9.78 11.98 7.01
N ALA A 221 8.67 12.67 7.24
CA ALA A 221 8.32 13.85 6.45
C ALA A 221 9.17 15.04 6.88
N ARG A 222 9.44 15.14 8.17
CA ARG A 222 10.33 16.18 8.65
C ARG A 222 11.65 16.05 7.92
N ARG A 223 12.13 14.82 7.79
CA ARG A 223 13.39 14.55 7.11
C ARG A 223 13.33 14.97 5.65
N ARG A 224 12.23 14.66 4.97
CA ARG A 224 12.07 15.05 3.57
C ARG A 224 12.11 16.57 3.42
N PHE A 225 11.41 17.28 4.31
CA PHE A 225 11.29 18.74 4.22
C PHE A 225 12.60 19.46 4.58
N ALA A 226 13.40 18.86 5.46
CA ALA A 226 14.74 19.38 5.72
C ALA A 226 15.61 19.19 4.47
N ASP A 227 15.65 17.97 3.95
CA ASP A 227 16.37 17.64 2.72
C ASP A 227 16.12 18.63 1.58
N ALA A 228 14.87 19.05 1.41
CA ALA A 228 14.49 19.88 0.26
C ALA A 228 14.67 21.38 0.50
N GLY A 229 14.89 21.77 1.75
CA GLY A 229 15.03 23.18 2.11
C GLY A 229 13.70 23.86 2.39
N LEU A 230 12.74 23.12 2.93
CA LEU A 230 11.40 23.62 3.21
C LEU A 230 11.04 23.66 4.70
N ALA A 231 12.00 23.36 5.57
CA ALA A 231 11.75 23.32 7.01
C ALA A 231 11.17 24.64 7.55
N ASP A 232 11.64 25.75 7.01
CA ASP A 232 11.19 27.08 7.43
C ASP A 232 9.67 27.28 7.26
N ARG A 233 9.12 26.88 6.11
CA ARG A 233 7.73 27.17 5.79
C ARG A 233 6.78 25.97 5.75
N VAL A 234 7.33 24.76 5.85
CA VAL A 234 6.50 23.55 5.93
C VAL A 234 6.75 22.87 7.27
N THR A 235 5.71 22.78 8.09
CA THR A 235 5.79 22.18 9.41
C THR A 235 5.06 20.85 9.42
N VAL A 236 5.45 20.00 10.37
CA VAL A 236 4.85 18.69 10.53
C VAL A 236 4.21 18.57 11.91
N ALA A 237 3.05 17.91 11.96
CA ALA A 237 2.24 17.87 13.15
C ALA A 237 1.65 16.48 13.36
N GLU A 238 2.07 15.80 14.42
CA GLU A 238 1.46 14.51 14.77
C GLU A 238 -0.01 14.70 15.13
N GLY A 239 -0.85 13.77 14.70
CA GLY A 239 -2.28 13.89 14.93
C GLY A 239 -3.16 12.83 14.30
N ASP A 240 -4.36 12.69 14.84
CA ASP A 240 -5.38 11.77 14.35
C ASP A 240 -6.34 12.58 13.48
N PHE A 241 -6.47 12.23 12.19
CA PHE A 241 -7.35 12.97 11.28
C PHE A 241 -8.84 12.65 11.46
N PHE A 242 -9.14 11.76 12.41
CA PHE A 242 -10.51 11.56 12.87
C PHE A 242 -10.84 12.60 13.94
N LYS A 243 -9.84 13.04 14.71
CA LYS A 243 -9.96 14.21 15.59
C LYS A 243 -9.98 15.51 14.77
N PRO A 244 -10.45 16.61 15.37
CA PRO A 244 -10.36 17.92 14.72
C PRO A 244 -8.92 18.27 14.33
N LEU A 245 -8.75 18.80 13.12
CA LEU A 245 -7.45 19.07 12.54
C LEU A 245 -6.76 20.30 13.15
N PRO A 246 -5.42 20.32 13.17
CA PRO A 246 -4.64 21.28 13.97
C PRO A 246 -4.75 22.75 13.54
N VAL A 247 -5.08 22.99 12.27
CA VAL A 247 -5.10 24.33 11.71
C VAL A 247 -6.21 24.45 10.65
N THR A 248 -6.26 25.59 9.98
CA THR A 248 -7.12 25.79 8.82
C THR A 248 -6.28 26.28 7.64
N ALA A 249 -6.83 26.17 6.43
CA ALA A 249 -6.09 26.54 5.23
C ALA A 249 -7.01 26.81 4.05
N ASP A 250 -6.48 27.52 3.04
CA ASP A 250 -7.24 27.77 1.81
C ASP A 250 -7.05 26.63 0.79
N VAL A 251 -6.23 25.64 1.15
CA VAL A 251 -6.19 24.35 0.45
C VAL A 251 -6.09 23.22 1.48
N VAL A 252 -6.89 22.18 1.30
CA VAL A 252 -6.83 20.96 2.11
C VAL A 252 -6.70 19.76 1.18
N LEU A 253 -5.57 19.04 1.29
CA LEU A 253 -5.23 17.95 0.36
C LEU A 253 -5.31 16.58 1.02
N LEU A 254 -6.05 15.67 0.37
CA LEU A 254 -6.09 14.27 0.73
C LEU A 254 -5.50 13.47 -0.44
N SER A 255 -4.20 13.20 -0.35
CA SER A 255 -3.46 12.48 -1.38
C SER A 255 -3.37 10.99 -1.03
N PHE A 256 -4.09 10.15 -1.76
CA PHE A 256 -4.14 8.70 -1.54
C PHE A 256 -4.49 8.35 -0.09
N VAL A 257 -5.57 8.94 0.39
CA VAL A 257 -6.08 8.72 1.74
C VAL A 257 -7.47 8.11 1.72
N LEU A 258 -8.39 8.74 1.00
CA LEU A 258 -9.77 8.25 1.00
C LEU A 258 -9.87 6.78 0.62
N LEU A 259 -9.08 6.32 -0.35
CA LEU A 259 -9.11 4.90 -0.74
C LEU A 259 -8.81 3.91 0.41
N ASN A 260 -8.12 4.37 1.46
CA ASN A 260 -7.80 3.51 2.59
C ASN A 260 -8.98 3.21 3.54
N TRP A 261 -10.16 3.75 3.24
CA TRP A 261 -11.26 3.77 4.21
C TRP A 261 -12.62 3.46 3.62
N SER A 262 -13.50 2.90 4.45
CA SER A 262 -14.87 2.61 4.07
C SER A 262 -15.61 3.88 3.68
N ASP A 263 -16.83 3.73 3.16
CA ASP A 263 -17.67 4.88 2.80
C ASP A 263 -17.95 5.77 4.01
N GLU A 264 -18.07 5.14 5.17
CA GLU A 264 -18.45 5.84 6.40
C GLU A 264 -17.26 6.60 6.99
N ASP A 265 -16.10 5.94 7.01
CA ASP A 265 -14.88 6.54 7.56
C ASP A 265 -14.35 7.65 6.64
N ALA A 266 -14.61 7.52 5.34
CA ALA A 266 -14.20 8.51 4.36
C ALA A 266 -14.97 9.80 4.62
N LEU A 267 -16.22 9.65 5.05
CA LEU A 267 -17.09 10.77 5.35
C LEU A 267 -16.62 11.54 6.57
N THR A 268 -16.37 10.83 7.67
CA THR A 268 -15.88 11.48 8.89
C THR A 268 -14.50 12.12 8.74
N ILE A 269 -13.67 11.60 7.82
CA ILE A 269 -12.41 12.24 7.46
C ILE A 269 -12.70 13.52 6.70
N LEU A 270 -13.62 13.42 5.74
CA LEU A 270 -14.03 14.54 4.91
C LEU A 270 -14.72 15.64 5.72
N ARG A 271 -15.49 15.26 6.74
CA ARG A 271 -16.17 16.24 7.58
C ARG A 271 -15.17 17.00 8.44
N GLY A 272 -14.08 16.32 8.80
CA GLY A 272 -12.96 16.96 9.48
C GLY A 272 -12.21 17.93 8.59
N CYS A 273 -12.14 17.63 7.28
CA CYS A 273 -11.41 18.47 6.32
C CYS A 273 -12.19 19.72 5.96
N VAL A 274 -13.50 19.57 5.73
CA VAL A 274 -14.41 20.69 5.50
C VAL A 274 -14.39 21.63 6.71
N ARG A 275 -14.32 21.01 7.88
CA ARG A 275 -14.20 21.73 9.15
C ARG A 275 -12.92 22.61 9.18
N ALA A 276 -11.83 22.11 8.61
CA ALA A 276 -10.57 22.86 8.59
C ALA A 276 -10.43 23.78 7.37
N LEU A 277 -11.37 23.73 6.43
CA LEU A 277 -11.26 24.50 5.19
C LEU A 277 -11.74 25.95 5.34
N GLU A 278 -10.79 26.88 5.20
CA GLU A 278 -11.08 28.32 5.20
C GLU A 278 -11.97 28.69 4.02
N PRO A 279 -13.03 29.45 4.30
CA PRO A 279 -13.99 29.89 3.27
C PRO A 279 -13.40 30.46 1.99
N GLY A 280 -14.00 30.09 0.85
CA GLY A 280 -13.48 30.42 -0.45
C GLY A 280 -12.39 29.45 -0.88
N GLY A 281 -12.08 28.49 -0.03
CA GLY A 281 -10.96 27.58 -0.24
C GLY A 281 -11.39 26.31 -0.95
N ARG A 282 -10.40 25.55 -1.41
CA ARG A 282 -10.64 24.29 -2.14
C ARG A 282 -10.08 23.08 -1.39
N LEU A 283 -10.83 21.97 -1.43
CA LEU A 283 -10.32 20.66 -1.05
C LEU A 283 -9.99 19.91 -2.34
N LEU A 284 -8.79 19.35 -2.42
CA LEU A 284 -8.42 18.47 -3.54
C LEU A 284 -8.27 17.03 -3.06
N VAL A 285 -8.80 16.09 -3.85
CA VAL A 285 -8.62 14.66 -3.61
C VAL A 285 -7.78 14.09 -4.75
N LEU A 286 -6.50 13.87 -4.46
CA LEU A 286 -5.60 13.15 -5.35
C LEU A 286 -5.75 11.67 -5.00
N ASP A 287 -5.89 10.81 -6.01
CA ASP A 287 -6.22 9.39 -5.76
C ASP A 287 -6.17 8.52 -7.03
N ARG A 288 -6.96 7.43 -7.04
CA ARG A 288 -7.14 6.54 -8.20
C ARG A 288 -5.90 5.67 -8.42
N ALA A 296 -5.96 -11.93 -16.41
CA ALA A 296 -5.01 -10.86 -16.10
C ALA A 296 -5.72 -9.55 -15.77
N ASP A 297 -6.17 -8.84 -16.79
CA ASP A 297 -6.71 -7.48 -16.64
C ASP A 297 -7.67 -7.37 -15.44
N ARG A 298 -8.77 -8.12 -15.45
CA ARG A 298 -9.77 -8.06 -14.39
C ARG A 298 -9.24 -8.51 -13.01
N PHE A 299 -8.37 -9.53 -13.02
CA PHE A 299 -7.92 -10.19 -11.80
C PHE A 299 -7.13 -9.30 -10.83
N PHE A 300 -6.18 -8.53 -11.35
CA PHE A 300 -5.30 -7.75 -10.49
C PHE A 300 -6.04 -6.62 -9.78
N SER A 301 -7.20 -6.21 -10.29
CA SER A 301 -7.95 -5.12 -9.70
C SER A 301 -8.89 -5.58 -8.56
N THR A 302 -9.42 -6.80 -8.65
CA THR A 302 -10.23 -7.39 -7.57
C THR A 302 -9.32 -7.93 -6.46
N LEU A 303 -8.15 -8.44 -6.85
CA LEU A 303 -7.13 -8.85 -5.88
C LEU A 303 -6.75 -7.66 -5.01
N LEU A 304 -6.53 -6.51 -5.63
CA LEU A 304 -6.19 -5.29 -4.92
C LEU A 304 -7.38 -4.77 -4.12
N ASP A 305 -8.57 -5.00 -4.64
CA ASP A 305 -9.81 -4.58 -3.99
C ASP A 305 -10.02 -5.29 -2.65
N LEU A 306 -9.79 -6.60 -2.63
CA LEU A 306 -9.96 -7.40 -1.42
C LEU A 306 -8.83 -7.16 -0.42
N ARG A 307 -7.63 -6.94 -0.93
CA ARG A 307 -6.50 -6.53 -0.09
C ARG A 307 -6.84 -5.22 0.61
N LEU A 309 -9.87 -3.97 1.22
CA LEU A 309 -10.96 -4.29 2.15
C LEU A 309 -10.48 -5.01 3.41
N THR A 310 -9.67 -6.04 3.21
CA THR A 310 -9.19 -6.90 4.30
C THR A 310 -8.16 -6.21 5.20
N PHE A 311 -7.27 -5.42 4.61
CA PHE A 311 -6.19 -4.78 5.36
C PHE A 311 -6.70 -3.60 6.18
N GLY A 313 -10.09 -1.83 5.23
CA GLY A 313 -11.49 -1.55 4.99
C GLY A 313 -11.73 -0.44 4.00
N GLY A 314 -10.80 -0.25 3.07
CA GLY A 314 -10.91 0.80 2.06
C GLY A 314 -11.46 0.25 0.76
N ARG A 315 -11.45 1.06 -0.30
CA ARG A 315 -11.74 0.61 -1.66
C ARG A 315 -11.48 1.68 -2.71
N VAL A 316 -11.13 1.25 -3.92
CA VAL A 316 -11.01 2.17 -5.06
C VAL A 316 -12.42 2.64 -5.45
N ARG A 317 -12.66 3.94 -5.32
CA ARG A 317 -13.93 4.54 -5.69
C ARG A 317 -13.81 5.21 -7.05
N THR A 318 -14.84 5.06 -7.87
CA THR A 318 -14.90 5.75 -9.15
C THR A 318 -15.17 7.22 -8.92
N ARG A 319 -15.05 7.99 -10.00
CA ARG A 319 -15.14 9.44 -9.93
C ARG A 319 -16.44 9.89 -9.28
N ASP A 320 -17.56 9.32 -9.75
CA ASP A 320 -18.88 9.68 -9.25
C ASP A 320 -19.06 9.30 -7.78
N GLU A 321 -18.51 8.14 -7.40
CA GLU A 321 -18.64 7.63 -6.04
C GLU A 321 -17.99 8.54 -4.98
N VAL A 322 -16.94 9.26 -5.36
CA VAL A 322 -16.31 10.22 -4.44
C VAL A 322 -17.16 11.49 -4.33
N VAL A 323 -17.62 12.00 -5.47
CA VAL A 323 -18.43 13.23 -5.53
C VAL A 323 -19.64 13.24 -4.59
N ASP A 324 -20.17 12.05 -4.28
CA ASP A 324 -21.40 11.91 -3.50
C ASP A 324 -21.10 11.77 -2.00
N LEU A 325 -19.94 11.21 -1.68
CA LEU A 325 -19.40 11.25 -0.31
C LEU A 325 -19.02 12.70 0.04
N ALA A 326 -18.46 13.41 -0.94
CA ALA A 326 -18.05 14.79 -0.78
C ALA A 326 -19.27 15.68 -0.60
N GLY A 327 -20.23 15.57 -1.52
CA GLY A 327 -21.49 16.28 -1.44
C GLY A 327 -22.27 15.94 -0.19
N SER A 328 -22.10 14.71 0.29
CA SER A 328 -22.77 14.25 1.51
C SER A 328 -22.13 14.83 2.77
N ALA A 329 -21.15 15.71 2.60
CA ALA A 329 -20.46 16.36 3.70
C ALA A 329 -20.29 17.88 3.53
N GLY A 330 -21.07 18.47 2.61
CA GLY A 330 -21.06 19.91 2.40
C GLY A 330 -20.10 20.40 1.33
N LEU A 331 -19.86 19.57 0.31
CA LEU A 331 -18.91 19.93 -0.75
C LEU A 331 -19.48 19.72 -2.16
N ALA A 332 -19.33 20.73 -3.01
CA ALA A 332 -19.77 20.64 -4.40
C ALA A 332 -18.56 20.55 -5.33
N LEU A 333 -18.66 19.74 -6.37
CA LEU A 333 -17.58 19.61 -7.33
C LEU A 333 -17.37 20.92 -8.08
N ALA A 334 -16.15 21.44 -8.04
CA ALA A 334 -15.75 22.62 -8.80
C ALA A 334 -15.10 22.22 -10.12
N SER A 335 -14.35 21.11 -10.10
CA SER A 335 -13.68 20.59 -11.29
C SER A 335 -13.01 19.24 -11.05
N GLU A 336 -12.55 18.62 -12.14
CA GLU A 336 -11.77 17.38 -12.09
C GLU A 336 -10.68 17.43 -13.17
N ARG A 337 -9.74 16.49 -13.08
CA ARG A 337 -8.83 16.18 -14.18
C ARG A 337 -8.08 14.89 -13.86
N THR A 338 -8.13 13.93 -14.78
CA THR A 338 -7.29 12.74 -14.66
C THR A 338 -6.25 12.79 -15.79
N SER A 339 -5.15 12.07 -15.61
CA SER A 339 -4.05 12.13 -16.57
C SER A 339 -2.98 11.08 -16.32
N GLY A 340 -2.33 10.66 -17.41
CA GLY A 340 -1.28 9.67 -17.35
C GLY A 340 0.01 10.22 -16.75
N SER A 341 0.72 9.36 -16.03
CA SER A 341 2.06 9.68 -15.53
C SER A 341 3.00 8.55 -15.94
N THR A 342 4.19 8.92 -16.45
CA THR A 342 5.15 7.93 -16.95
C THR A 342 5.73 7.08 -15.79
N THR A 343 5.84 7.70 -14.62
CA THR A 343 6.36 7.05 -13.41
C THR A 343 5.28 6.30 -12.64
N LEU A 344 4.02 6.65 -12.88
CA LEU A 344 2.89 5.97 -12.22
C LEU A 344 2.31 4.88 -13.13
N PRO A 345 2.11 3.68 -12.57
CA PRO A 345 1.45 2.58 -13.29
C PRO A 345 -0.08 2.62 -13.14
N PHE A 346 -0.62 3.81 -12.89
CA PHE A 346 -2.07 4.04 -12.97
C PHE A 346 -2.34 5.53 -13.22
N ASP A 347 -3.53 5.83 -13.70
CA ASP A 347 -3.92 7.22 -13.94
C ASP A 347 -4.37 7.85 -12.61
N PHE A 348 -3.86 9.05 -12.33
CA PHE A 348 -4.18 9.77 -11.11
C PHE A 348 -5.38 10.71 -11.33
N SER A 349 -6.05 11.10 -10.25
CA SER A 349 -7.23 11.96 -10.34
C SER A 349 -7.24 13.07 -9.27
N ILE A 350 -7.44 14.31 -9.69
CA ILE A 350 -7.57 15.45 -8.78
C ILE A 350 -9.00 16.00 -8.80
N LEU A 351 -9.71 15.84 -7.68
CA LEU A 351 -11.07 16.36 -7.56
C LEU A 351 -11.06 17.62 -6.68
N GLU A 352 -11.48 18.74 -7.27
CA GLU A 352 -11.49 20.04 -6.59
C GLU A 352 -12.90 20.32 -6.09
N PHE A 353 -13.03 20.57 -4.78
CA PHE A 353 -14.34 20.81 -4.16
C PHE A 353 -14.37 22.18 -3.47
N THR A 354 -15.55 22.79 -3.41
CA THR A 354 -15.78 23.93 -2.51
C THR A 354 -16.89 23.56 -1.54
N ALA A 355 -17.11 24.40 -0.54
CA ALA A 355 -18.24 24.23 0.37
C ALA A 355 -19.52 24.68 -0.33
N VAL A 356 -20.57 23.86 -0.27
CA VAL A 356 -21.88 24.26 -0.82
C VAL A 356 -22.38 25.42 0.03
N SER A 357 -22.30 25.23 1.34
CA SER A 357 -22.60 26.29 2.31
C SER A 357 -21.49 27.35 2.31
#